data_7PWT
#
_entry.id   7PWT
#
_cell.length_a   63.838
_cell.length_b   151.081
_cell.length_c   77.721
_cell.angle_alpha   90.000
_cell.angle_beta   90.000
_cell.angle_gamma   90.000
#
_symmetry.space_group_name_H-M   'C 2 2 2'
#
loop_
_entity.id
_entity.type
_entity.pdbx_description
1 polymer '14-3-3 protein sigma'
2 polymer 'C-terminus of Estrogen receptor alpha'
3 non-polymer 'MAGNESIUM ION'
4 non-polymer (2~{R})-1-(2-hydroxyphenyl)-2-(4-nitrophenyl)-4-oxidanyl-3-(phenylcarbonyl)-2~{H}-pyrrol-5-one
5 water water
#
loop_
_entity_poly.entity_id
_entity_poly.type
_entity_poly.pdbx_seq_one_letter_code
_entity_poly.pdbx_strand_id
1 'polypeptide(L)'
;GAMGSMERASLIQKAKLAEQAERYEDMAAFMKGAVEKGEELSCEERNLLSVAYKNVVGGQRAAWRVLSSIEQKSNEEGSE
EKGPEVREYREKVETELQGVCDTVLGLLDSHLIKEAGDAESRVFYLKMKGDYYRYLAEVATGDDKKRIIDSARSAYQEAM
DISKKEMPPTNPIRLGLALNFSVFHYEIANSPEEAISLAKTTFDEAMADLHTLSEDSYKDSTLIMQLLRDNLTLWT
;
A
2 'polypeptide(L)' AEGFPA(TPO)V B
#
# COMPACT_ATOMS: atom_id res chain seq x y z
N GLY A 1 -7.43 13.94 -20.30
CA GLY A 1 -8.14 12.62 -20.18
C GLY A 1 -9.56 12.73 -19.69
N ALA A 2 -10.04 11.66 -19.07
CA ALA A 2 -11.44 11.60 -18.65
C ALA A 2 -11.86 12.81 -17.82
N MET A 3 -10.95 13.28 -16.97
CA MET A 3 -11.20 14.34 -16.00
C MET A 3 -10.42 15.61 -16.29
N GLY A 4 -9.85 15.73 -17.48
CA GLY A 4 -8.98 16.85 -17.78
C GLY A 4 -9.68 18.17 -17.98
N SER A 5 -10.99 18.15 -18.18
CA SER A 5 -11.74 19.40 -18.26
C SER A 5 -12.22 19.89 -16.90
N MET A 6 -11.94 19.15 -15.84
CA MET A 6 -12.39 19.52 -14.50
C MET A 6 -11.27 20.19 -13.70
N GLU A 7 -11.62 21.28 -13.03
CA GLU A 7 -10.74 21.94 -12.08
C GLU A 7 -10.20 20.97 -11.04
N ARG A 8 -8.90 21.10 -10.75
CA ARG A 8 -8.27 20.25 -9.75
C ARG A 8 -9.00 20.31 -8.41
N ALA A 9 -9.44 21.52 -8.01
CA ALA A 9 -10.12 21.65 -6.72
C ALA A 9 -11.42 20.86 -6.71
N SER A 10 -12.21 20.98 -7.78
CA SER A 10 -13.45 20.21 -7.88
C SER A 10 -13.17 18.71 -7.83
N LEU A 11 -12.07 18.29 -8.45
CA LEU A 11 -11.70 16.87 -8.40
C LEU A 11 -11.43 16.43 -6.97
N ILE A 12 -10.75 17.26 -6.19
CA ILE A 12 -10.52 16.94 -4.78
C ILE A 12 -11.84 16.90 -4.01
N GLN A 13 -12.69 17.89 -4.24
CA GLN A 13 -14.01 17.91 -3.58
C GLN A 13 -14.75 16.61 -3.85
N LYS A 14 -14.77 16.18 -5.11
CA LYS A 14 -15.56 15.01 -5.48
C LYS A 14 -14.92 13.70 -5.07
N ALA A 15 -13.60 13.66 -4.92
CA ALA A 15 -12.96 12.50 -4.32
C ALA A 15 -13.48 12.30 -2.91
N LYS A 16 -13.67 13.40 -2.17
CA LYS A 16 -14.17 13.32 -0.80
C LYS A 16 -15.64 12.94 -0.78
N LEU A 17 -16.44 13.49 -1.70
CA LEU A 17 -17.83 13.05 -1.83
C LEU A 17 -17.92 11.55 -2.10
N ALA A 18 -17.10 11.06 -3.03
CA ALA A 18 -17.12 9.64 -3.36
C ALA A 18 -16.72 8.77 -2.18
N GLU A 19 -15.80 9.24 -1.32
CA GLU A 19 -15.46 8.50 -0.11
C GLU A 19 -16.64 8.41 0.85
N GLN A 20 -17.35 9.52 1.05
CA GLN A 20 -18.55 9.47 1.88
C GLN A 20 -19.57 8.49 1.31
N ALA A 21 -19.68 8.42 0.00
CA ALA A 21 -20.64 7.55 -0.67
C ALA A 21 -20.09 6.15 -0.90
N GLU A 22 -18.84 5.88 -0.55
CA GLU A 22 -18.25 4.54 -0.65
C GLU A 22 -18.18 4.12 -2.11
N ARG A 23 -17.85 5.08 -2.97
CA ARG A 23 -17.69 4.89 -4.40
C ARG A 23 -16.19 5.03 -4.64
N TYR A 24 -15.46 3.99 -4.26
CA TYR A 24 -14.01 4.05 -4.25
C TYR A 24 -13.43 4.01 -5.65
N GLU A 25 -14.14 3.40 -6.58
CA GLU A 25 -13.73 3.48 -7.98
C GLU A 25 -13.79 4.92 -8.49
N ASP A 26 -14.90 5.59 -8.24
CA ASP A 26 -14.98 7.02 -8.55
C ASP A 26 -13.90 7.78 -7.78
N MET A 27 -13.71 7.47 -6.51
CA MET A 27 -12.73 8.20 -5.72
C MET A 27 -11.34 8.10 -6.34
N ALA A 28 -10.93 6.88 -6.69
CA ALA A 28 -9.63 6.70 -7.33
C ALA A 28 -9.56 7.49 -8.63
N ALA A 29 -10.65 7.48 -9.39
CA ALA A 29 -10.66 8.15 -10.70
C ALA A 29 -10.51 9.66 -10.55
N PHE A 30 -11.25 10.27 -9.62
CA PHE A 30 -11.08 11.69 -9.34
C PHE A 30 -9.66 11.99 -8.85
N MET A 31 -9.12 11.13 -7.98
CA MET A 31 -7.78 11.42 -7.46
C MET A 31 -6.74 11.28 -8.56
N LYS A 32 -6.88 10.28 -9.45
CA LYS A 32 -5.96 10.17 -10.58
C LYS A 32 -5.98 11.41 -11.43
N GLY A 33 -7.18 11.91 -11.77
CA GLY A 33 -7.24 13.15 -12.52
C GLY A 33 -6.60 14.31 -11.79
N ALA A 34 -6.71 14.32 -10.46
CA ALA A 34 -6.08 15.38 -9.70
C ALA A 34 -4.56 15.27 -9.78
N VAL A 35 -4.02 14.07 -9.56
CA VAL A 35 -2.58 13.85 -9.69
C VAL A 35 -2.10 14.36 -11.04
N GLU A 36 -2.86 14.07 -12.10
CA GLU A 36 -2.48 14.35 -13.47
C GLU A 36 -2.51 15.83 -13.81
N LYS A 37 -2.94 16.70 -12.90
CA LYS A 37 -2.79 18.13 -13.11
C LYS A 37 -1.33 18.57 -12.98
N GLY A 38 -0.46 17.72 -12.45
CA GLY A 38 0.96 17.97 -12.45
C GLY A 38 1.51 18.65 -11.22
N GLU A 39 0.67 19.08 -10.28
CA GLU A 39 1.13 19.60 -9.01
C GLU A 39 1.22 18.48 -7.99
N GLU A 40 2.09 18.69 -7.01
N GLU A 40 2.09 18.68 -7.00
CA GLU A 40 2.24 17.71 -5.94
CA GLU A 40 2.24 17.71 -5.94
C GLU A 40 0.97 17.66 -5.10
C GLU A 40 1.00 17.69 -5.05
N LEU A 41 0.88 16.62 -4.28
CA LEU A 41 -0.27 16.39 -3.42
C LEU A 41 0.12 16.72 -1.99
N SER A 42 -0.79 17.37 -1.27
CA SER A 42 -0.59 17.57 0.16
C SER A 42 -0.70 16.24 0.91
N CYS A 43 -0.37 16.27 2.20
CA CYS A 43 -0.54 15.08 3.03
C CYS A 43 -1.98 14.55 2.94
N GLU A 44 -2.95 15.44 3.06
CA GLU A 44 -4.34 15.01 3.00
C GLU A 44 -4.69 14.46 1.63
N GLU A 45 -4.16 15.07 0.56
CA GLU A 45 -4.43 14.56 -0.78
C GLU A 45 -3.75 13.21 -1.00
N ARG A 46 -2.50 13.07 -0.56
CA ARG A 46 -1.84 11.77 -0.64
C ARG A 46 -2.71 10.68 -0.03
N ASN A 47 -3.34 10.97 1.12
N ASN A 47 -3.31 10.97 1.14
CA ASN A 47 -4.10 9.94 1.80
CA ASN A 47 -4.12 9.96 1.81
C ASN A 47 -5.42 9.64 1.09
C ASN A 47 -5.39 9.62 1.03
N LEU A 48 -5.99 10.62 0.37
CA LEU A 48 -7.18 10.34 -0.41
C LEU A 48 -6.85 9.39 -1.56
N LEU A 49 -5.67 9.57 -2.14
CA LEU A 49 -5.21 8.68 -3.21
C LEU A 49 -5.03 7.26 -2.69
N SER A 50 -4.33 7.12 -1.55
CA SER A 50 -4.04 5.78 -1.06
C SER A 50 -5.33 5.08 -0.67
N VAL A 51 -6.21 5.77 0.06
CA VAL A 51 -7.48 5.18 0.48
C VAL A 51 -8.26 4.66 -0.72
N ALA A 52 -8.49 5.52 -1.70
CA ALA A 52 -9.26 5.12 -2.88
C ALA A 52 -8.72 3.82 -3.46
N TYR A 53 -7.44 3.83 -3.86
CA TYR A 53 -6.90 2.67 -4.56
C TYR A 53 -6.77 1.45 -3.65
N LYS A 54 -6.59 1.66 -2.34
CA LYS A 54 -6.51 0.52 -1.44
C LYS A 54 -7.85 -0.21 -1.35
N ASN A 55 -8.96 0.53 -1.32
CA ASN A 55 -10.27 -0.11 -1.33
C ASN A 55 -10.50 -0.86 -2.63
N VAL A 56 -10.20 -0.22 -3.76
CA VAL A 56 -10.41 -0.87 -5.04
C VAL A 56 -9.60 -2.16 -5.11
N VAL A 57 -8.28 -2.06 -4.90
CA VAL A 57 -7.43 -3.23 -5.00
C VAL A 57 -7.73 -4.20 -3.85
N GLY A 58 -8.15 -3.71 -2.68
CA GLY A 58 -8.48 -4.62 -1.59
C GLY A 58 -9.64 -5.55 -1.89
N GLY A 59 -10.66 -5.03 -2.60
CA GLY A 59 -11.78 -5.87 -3.00
C GLY A 59 -11.41 -6.84 -4.09
N GLN A 60 -10.50 -6.45 -4.97
CA GLN A 60 -10.04 -7.37 -6.00
C GLN A 60 -9.23 -8.50 -5.41
N ARG A 61 -8.36 -8.19 -4.43
CA ARG A 61 -7.59 -9.26 -3.77
C ARG A 61 -8.51 -10.21 -3.02
N ALA A 62 -9.52 -9.68 -2.31
CA ALA A 62 -10.45 -10.54 -1.60
C ALA A 62 -11.15 -11.50 -2.55
N ALA A 63 -11.53 -11.00 -3.73
CA ALA A 63 -12.20 -11.86 -4.71
C ALA A 63 -11.22 -12.88 -5.29
N TRP A 64 -10.01 -12.45 -5.61
CA TRP A 64 -9.01 -13.37 -6.13
C TRP A 64 -8.75 -14.52 -5.16
N ARG A 65 -8.67 -14.24 -3.87
CA ARG A 65 -8.38 -15.30 -2.91
C ARG A 65 -9.54 -16.27 -2.78
N VAL A 66 -10.77 -15.76 -2.85
CA VAL A 66 -11.92 -16.64 -2.84
C VAL A 66 -11.80 -17.62 -3.99
N LEU A 67 -11.79 -17.10 -5.22
CA LEU A 67 -11.72 -17.94 -6.41
C LEU A 67 -10.49 -18.83 -6.41
N SER A 68 -9.33 -18.28 -6.03
CA SER A 68 -8.11 -19.09 -6.03
C SER A 68 -8.25 -20.27 -5.09
N SER A 69 -8.85 -20.06 -3.92
CA SER A 69 -9.05 -21.17 -3.00
C SER A 69 -10.06 -22.17 -3.56
N ILE A 70 -11.12 -21.67 -4.18
CA ILE A 70 -12.04 -22.58 -4.88
C ILE A 70 -11.28 -23.36 -5.95
N GLU A 71 -10.37 -22.68 -6.65
CA GLU A 71 -9.62 -23.30 -7.74
C GLU A 71 -8.66 -24.36 -7.22
N GLN A 72 -8.22 -24.27 -5.97
CA GLN A 72 -7.34 -25.28 -5.40
C GLN A 72 -8.13 -26.51 -4.96
N LYS A 73 -9.20 -26.30 -4.19
CA LYS A 73 -10.01 -27.43 -3.77
C LYS A 73 -10.57 -28.18 -4.97
N SER A 74 -10.78 -27.48 -6.10
CA SER A 74 -11.27 -28.12 -7.31
C SER A 74 -10.23 -28.99 -7.99
N ASN A 75 -8.98 -28.95 -7.53
CA ASN A 75 -7.92 -29.78 -8.10
C ASN A 75 -7.46 -30.82 -7.09
N GLY A 83 -14.10 -28.73 -15.81
CA GLY A 83 -14.52 -27.47 -16.43
C GLY A 83 -13.55 -26.33 -16.17
N PRO A 84 -13.29 -25.50 -17.19
CA PRO A 84 -12.33 -24.42 -17.06
C PRO A 84 -12.88 -23.13 -16.43
N GLU A 85 -14.12 -23.17 -15.95
CA GLU A 85 -14.80 -21.91 -15.63
C GLU A 85 -14.17 -21.19 -14.43
N VAL A 86 -13.63 -21.93 -13.46
CA VAL A 86 -13.07 -21.30 -12.27
C VAL A 86 -11.73 -20.66 -12.61
N ARG A 87 -10.85 -21.41 -13.27
CA ARG A 87 -9.63 -20.80 -13.80
C ARG A 87 -9.96 -19.55 -14.60
N GLU A 88 -10.86 -19.68 -15.57
CA GLU A 88 -11.21 -18.56 -16.44
C GLU A 88 -11.59 -17.33 -15.62
N TYR A 89 -12.48 -17.50 -14.65
CA TYR A 89 -12.98 -16.35 -13.91
C TYR A 89 -11.93 -15.80 -12.95
N ARG A 90 -11.21 -16.69 -12.26
CA ARG A 90 -10.06 -16.26 -11.47
C ARG A 90 -9.12 -15.41 -12.32
N GLU A 91 -8.81 -15.90 -13.52
CA GLU A 91 -7.89 -15.17 -14.40
C GLU A 91 -8.46 -13.81 -14.79
N LYS A 92 -9.77 -13.73 -14.97
CA LYS A 92 -10.39 -12.45 -15.31
C LYS A 92 -10.22 -11.44 -14.19
N VAL A 93 -10.45 -11.87 -12.95
CA VAL A 93 -10.26 -10.96 -11.82
C VAL A 93 -8.78 -10.65 -11.64
N GLU A 94 -7.92 -11.65 -11.85
CA GLU A 94 -6.48 -11.44 -11.76
C GLU A 94 -6.04 -10.34 -12.70
N THR A 95 -6.50 -10.38 -13.94
CA THR A 95 -6.10 -9.40 -14.94
C THR A 95 -6.59 -8.00 -14.60
N GLU A 96 -7.75 -7.87 -13.95
N GLU A 96 -7.75 -7.89 -13.95
CA GLU A 96 -8.21 -6.57 -13.51
CA GLU A 96 -8.24 -6.57 -13.52
C GLU A 96 -7.35 -6.04 -12.37
C GLU A 96 -7.40 -6.04 -12.37
N LEU A 97 -7.00 -6.91 -11.42
N LEU A 97 -7.01 -6.91 -11.43
CA LEU A 97 -6.14 -6.53 -10.30
CA LEU A 97 -6.16 -6.48 -10.32
C LEU A 97 -4.79 -6.04 -10.81
C LEU A 97 -4.81 -6.00 -10.84
N GLN A 98 -4.25 -6.70 -11.82
CA GLN A 98 -2.97 -6.29 -12.39
C GLN A 98 -3.09 -4.92 -13.04
N GLY A 99 -4.21 -4.67 -13.72
CA GLY A 99 -4.41 -3.38 -14.35
C GLY A 99 -4.44 -2.23 -13.37
N VAL A 100 -5.06 -2.44 -12.20
CA VAL A 100 -5.14 -1.38 -11.21
C VAL A 100 -3.78 -1.11 -10.59
N CYS A 101 -3.02 -2.17 -10.31
CA CYS A 101 -1.68 -2.00 -9.78
C CYS A 101 -0.81 -1.22 -10.75
N ASP A 102 -0.83 -1.60 -12.03
CA ASP A 102 -0.05 -0.89 -13.04
C ASP A 102 -0.44 0.58 -13.12
N THR A 103 -1.75 0.87 -13.03
CA THR A 103 -2.21 2.25 -13.02
C THR A 103 -1.52 3.04 -11.90
N VAL A 104 -1.57 2.53 -10.67
CA VAL A 104 -0.96 3.24 -9.56
C VAL A 104 0.53 3.36 -9.75
N LEU A 105 1.20 2.23 -10.05
CA LEU A 105 2.65 2.26 -10.21
C LEU A 105 3.08 3.24 -11.31
N GLY A 106 2.28 3.37 -12.37
CA GLY A 106 2.59 4.37 -13.38
C GLY A 106 2.37 5.78 -12.89
N LEU A 107 1.32 5.99 -12.09
CA LEU A 107 1.14 7.28 -11.45
C LEU A 107 2.31 7.64 -10.55
N LEU A 108 2.87 6.66 -9.84
CA LEU A 108 3.97 6.94 -8.94
C LEU A 108 5.24 7.31 -9.70
N ASP A 109 5.60 6.51 -10.71
CA ASP A 109 6.84 6.77 -11.42
C ASP A 109 6.72 7.97 -12.34
N SER A 110 5.52 8.22 -12.88
CA SER A 110 5.35 9.29 -13.86
C SER A 110 5.06 10.64 -13.23
N HIS A 111 4.54 10.69 -12.00
CA HIS A 111 4.10 11.98 -11.48
C HIS A 111 4.48 12.27 -10.04
N LEU A 112 4.42 11.27 -9.18
CA LEU A 112 4.42 11.51 -7.74
C LEU A 112 5.77 11.35 -7.09
N ILE A 113 6.54 10.34 -7.46
CA ILE A 113 7.71 9.98 -6.67
C ILE A 113 8.68 11.15 -6.61
N LYS A 114 9.21 11.56 -7.75
CA LYS A 114 10.05 12.76 -7.81
C LYS A 114 11.11 12.77 -6.70
N GLY A 117 11.74 16.17 -2.97
CA GLY A 117 10.54 16.48 -2.23
C GLY A 117 10.72 16.29 -0.72
N ASP A 118 9.67 16.59 0.04
CA ASP A 118 9.70 16.37 1.49
C ASP A 118 9.91 14.88 1.78
N ALA A 119 10.49 14.60 2.96
CA ALA A 119 10.93 13.24 3.27
C ALA A 119 9.73 12.34 3.58
N GLU A 120 8.80 12.83 4.39
CA GLU A 120 7.55 12.11 4.60
C GLU A 120 6.88 11.81 3.26
N SER A 121 6.95 12.76 2.33
CA SER A 121 6.38 12.57 1.00
C SER A 121 7.07 11.45 0.24
N ARG A 122 8.40 11.47 0.20
CA ARG A 122 9.14 10.46 -0.56
C ARG A 122 8.94 9.08 0.03
N VAL A 123 8.94 8.96 1.35
CA VAL A 123 8.68 7.67 1.98
C VAL A 123 7.29 7.19 1.63
N PHE A 124 6.31 8.09 1.72
CA PHE A 124 4.93 7.67 1.45
C PHE A 124 4.82 6.98 0.10
N TYR A 125 5.32 7.62 -0.95
CA TYR A 125 5.14 7.08 -2.30
C TYR A 125 5.94 5.80 -2.49
N LEU A 126 7.16 5.75 -1.94
CA LEU A 126 7.97 4.54 -2.10
C LEU A 126 7.34 3.36 -1.36
N LYS A 127 6.67 3.62 -0.24
CA LYS A 127 5.95 2.54 0.42
C LYS A 127 4.78 2.09 -0.44
N MET A 128 4.12 3.01 -1.17
CA MET A 128 3.05 2.58 -2.08
C MET A 128 3.59 1.74 -3.22
N LYS A 129 4.75 2.13 -3.77
CA LYS A 129 5.36 1.37 -4.84
C LYS A 129 5.65 -0.06 -4.41
N GLY A 130 6.25 -0.22 -3.23
CA GLY A 130 6.47 -1.56 -2.70
C GLY A 130 5.18 -2.29 -2.44
N ASP A 131 4.16 -1.59 -1.95
CA ASP A 131 2.89 -2.25 -1.64
C ASP A 131 2.23 -2.81 -2.90
N TYR A 132 2.12 -1.99 -3.93
CA TYR A 132 1.44 -2.47 -5.12
C TYR A 132 2.30 -3.43 -5.94
N TYR A 133 3.64 -3.34 -5.82
CA TYR A 133 4.47 -4.43 -6.31
C TYR A 133 4.24 -5.69 -5.49
N ARG A 134 3.92 -5.55 -4.20
CA ARG A 134 3.63 -6.72 -3.39
C ARG A 134 2.36 -7.41 -3.89
N TYR A 135 1.32 -6.63 -4.18
CA TYR A 135 0.06 -7.22 -4.61
C TYR A 135 0.21 -7.89 -5.97
N LEU A 136 1.04 -7.36 -6.85
CA LEU A 136 1.32 -8.09 -8.09
C LEU A 136 2.02 -9.40 -7.80
N ALA A 137 3.01 -9.38 -6.89
CA ALA A 137 3.71 -10.59 -6.53
C ALA A 137 2.76 -11.65 -5.99
N GLU A 138 1.67 -11.24 -5.32
CA GLU A 138 0.75 -12.21 -4.76
C GLU A 138 0.11 -13.09 -5.82
N VAL A 139 0.01 -12.60 -7.06
CA VAL A 139 -0.65 -13.37 -8.13
C VAL A 139 0.30 -13.76 -9.27
N ALA A 140 1.57 -13.39 -9.22
CA ALA A 140 2.45 -13.59 -10.36
C ALA A 140 3.11 -14.97 -10.31
N THR A 141 3.76 -15.33 -11.42
CA THR A 141 4.46 -16.60 -11.52
C THR A 141 5.65 -16.48 -12.47
N GLY A 142 6.62 -17.36 -12.28
CA GLY A 142 7.69 -17.55 -13.24
C GLY A 142 8.76 -16.46 -13.21
N ASP A 143 9.27 -16.13 -14.40
CA ASP A 143 10.26 -15.07 -14.51
C ASP A 143 9.65 -13.72 -14.17
N ASP A 144 8.42 -13.47 -14.63
CA ASP A 144 7.74 -12.23 -14.27
C ASP A 144 7.69 -12.06 -12.77
N LYS A 145 7.55 -13.17 -12.02
CA LYS A 145 7.24 -13.05 -10.60
C LYS A 145 8.32 -12.31 -9.80
N LYS A 146 9.50 -12.94 -9.56
CA LYS A 146 10.55 -12.42 -8.69
C LYS A 146 11.25 -11.18 -9.22
N ARG A 147 11.08 -10.91 -10.52
CA ARG A 147 11.31 -9.56 -11.04
C ARG A 147 10.46 -8.55 -10.27
N ILE A 148 9.25 -8.96 -9.94
CA ILE A 148 8.34 -8.14 -9.16
C ILE A 148 8.80 -8.07 -7.72
N ILE A 149 9.24 -9.21 -7.16
CA ILE A 149 9.65 -9.24 -5.77
C ILE A 149 10.85 -8.31 -5.56
N ASP A 150 11.82 -8.36 -6.47
CA ASP A 150 12.95 -7.44 -6.38
C ASP A 150 12.49 -5.99 -6.42
N SER A 151 11.54 -5.68 -7.31
CA SER A 151 11.03 -4.33 -7.40
C SER A 151 10.42 -3.89 -6.07
N ALA A 152 9.56 -4.74 -5.50
CA ALA A 152 8.99 -4.45 -4.19
C ALA A 152 10.06 -4.22 -3.13
N ARG A 153 11.02 -5.16 -3.01
CA ARG A 153 12.03 -5.04 -1.97
C ARG A 153 12.79 -3.71 -2.07
N SER A 154 13.23 -3.36 -3.29
CA SER A 154 14.02 -2.16 -3.48
C SER A 154 13.24 -0.91 -3.07
N ALA A 155 11.97 -0.84 -3.46
CA ALA A 155 11.13 0.28 -3.04
C ALA A 155 11.01 0.34 -1.53
N TYR A 156 10.77 -0.81 -0.89
CA TYR A 156 10.66 -0.83 0.56
C TYR A 156 11.99 -0.44 1.20
N GLN A 157 13.09 -1.02 0.73
CA GLN A 157 14.39 -0.73 1.32
C GLN A 157 14.72 0.75 1.25
N GLU A 158 14.55 1.37 0.08
CA GLU A 158 14.85 2.79 -0.02
C GLU A 158 13.98 3.60 0.95
N ALA A 159 12.72 3.19 1.12
CA ALA A 159 11.85 3.88 2.04
C ALA A 159 12.27 3.66 3.49
N MET A 160 12.76 2.47 3.84
CA MET A 160 13.21 2.25 5.20
C MET A 160 14.38 3.16 5.55
N ASP A 161 15.35 3.27 4.63
CA ASP A 161 16.54 4.07 4.89
C ASP A 161 16.19 5.53 5.13
N ILE A 162 15.30 6.09 4.31
CA ILE A 162 14.91 7.50 4.46
C ILE A 162 14.21 7.70 5.79
N SER A 163 13.33 6.77 6.18
CA SER A 163 12.53 6.96 7.39
C SER A 163 13.38 6.82 8.66
N LYS A 164 14.33 5.89 8.66
CA LYS A 164 15.24 5.80 9.81
C LYS A 164 16.04 7.08 9.97
N LYS A 165 16.45 7.69 8.86
CA LYS A 165 17.33 8.85 8.90
C LYS A 165 16.57 10.13 9.23
N GLU A 166 15.38 10.30 8.66
CA GLU A 166 14.69 11.57 8.68
C GLU A 166 13.40 11.60 9.48
N MET A 167 12.97 10.47 10.05
CA MET A 167 11.72 10.39 10.79
C MET A 167 11.94 9.78 12.17
N PRO A 168 11.14 10.19 13.16
CA PRO A 168 11.23 9.56 14.49
C PRO A 168 10.61 8.18 14.48
N PRO A 169 11.00 7.30 15.41
CA PRO A 169 10.53 5.91 15.38
C PRO A 169 9.05 5.74 15.68
N THR A 170 8.33 6.79 16.09
CA THR A 170 6.89 6.68 16.35
C THR A 170 6.06 7.23 15.20
N ASN A 171 6.71 7.77 14.18
CA ASN A 171 6.00 8.34 13.05
CA ASN A 171 6.00 8.34 13.05
C ASN A 171 5.12 7.28 12.39
N PRO A 172 3.83 7.54 12.17
CA PRO A 172 2.95 6.48 11.66
C PRO A 172 3.30 5.98 10.27
N ILE A 173 3.84 6.83 9.40
CA ILE A 173 4.29 6.33 8.10
C ILE A 173 5.48 5.38 8.27
N ARG A 174 6.45 5.77 9.08
CA ARG A 174 7.58 4.88 9.36
C ARG A 174 7.10 3.56 9.93
N LEU A 175 6.23 3.61 10.94
CA LEU A 175 5.71 2.38 11.53
C LEU A 175 4.93 1.54 10.52
N GLY A 176 4.01 2.20 9.79
CA GLY A 176 3.22 1.47 8.81
C GLY A 176 4.07 0.88 7.69
N LEU A 177 5.06 1.65 7.22
CA LEU A 177 6.02 1.12 6.25
C LEU A 177 6.63 -0.18 6.75
N ALA A 178 7.14 -0.18 7.98
CA ALA A 178 7.85 -1.33 8.51
C ALA A 178 6.93 -2.50 8.79
N LEU A 179 5.70 -2.24 9.22
CA LEU A 179 4.72 -3.32 9.32
C LEU A 179 4.56 -4.04 7.99
N ASN A 180 4.44 -3.28 6.90
CA ASN A 180 4.20 -3.87 5.59
C ASN A 180 5.44 -4.52 5.01
N PHE A 181 6.63 -3.95 5.27
CA PHE A 181 7.85 -4.59 4.83
C PHE A 181 8.06 -5.91 5.57
N SER A 182 7.75 -5.92 6.86
CA SER A 182 7.77 -7.18 7.62
C SER A 182 6.86 -8.21 6.97
N VAL A 183 5.63 -7.81 6.63
CA VAL A 183 4.71 -8.75 5.99
C VAL A 183 5.27 -9.19 4.65
N PHE A 184 5.88 -8.28 3.90
CA PHE A 184 6.53 -8.66 2.64
C PHE A 184 7.53 -9.78 2.86
N HIS A 185 8.34 -9.67 3.93
CA HIS A 185 9.33 -10.69 4.21
C HIS A 185 8.69 -12.04 4.48
N TYR A 186 7.64 -12.04 5.32
CA TYR A 186 6.99 -13.28 5.74
C TYR A 186 6.22 -13.93 4.59
N GLU A 187 5.36 -13.16 3.93
CA GLU A 187 4.39 -13.73 3.02
C GLU A 187 4.87 -13.80 1.58
N ILE A 188 5.91 -13.05 1.21
CA ILE A 188 6.34 -12.93 -0.17
C ILE A 188 7.76 -13.45 -0.37
N ALA A 189 8.67 -13.07 0.52
CA ALA A 189 10.08 -13.36 0.36
C ALA A 189 10.52 -14.64 1.05
N ASN A 190 9.59 -15.38 1.65
CA ASN A 190 9.89 -16.68 2.24
C ASN A 190 10.99 -16.56 3.30
N SER A 191 10.86 -15.54 4.15
CA SER A 191 11.82 -15.28 5.23
C SER A 191 11.08 -14.83 6.49
N PRO A 192 10.44 -15.77 7.20
CA PRO A 192 9.81 -15.40 8.49
C PRO A 192 10.79 -14.80 9.48
N GLU A 193 12.09 -15.06 9.34
CA GLU A 193 13.07 -14.57 10.30
C GLU A 193 13.13 -13.04 10.28
N GLU A 194 13.57 -12.48 9.14
CA GLU A 194 13.68 -11.03 9.03
C GLU A 194 12.33 -10.34 9.25
N ALA A 195 11.24 -11.01 8.90
CA ALA A 195 9.92 -10.43 9.14
C ALA A 195 9.68 -10.21 10.62
N ILE A 196 9.96 -11.23 11.43
CA ILE A 196 9.77 -11.13 12.87
C ILE A 196 10.76 -10.14 13.48
N SER A 197 12.03 -10.23 13.06
CA SER A 197 13.03 -9.32 13.60
C SER A 197 12.60 -7.87 13.42
N LEU A 198 12.28 -7.47 12.19
CA LEU A 198 11.98 -6.07 11.90
C LEU A 198 10.70 -5.63 12.60
N ALA A 199 9.72 -6.53 12.72
CA ALA A 199 8.51 -6.17 13.44
C ALA A 199 8.79 -5.88 14.91
N LYS A 200 9.66 -6.70 15.52
CA LYS A 200 10.00 -6.52 16.94
C LYS A 200 10.91 -5.33 17.13
N THR A 201 11.92 -5.18 16.27
CA THR A 201 12.76 -4.01 16.31
C THR A 201 11.92 -2.74 16.19
N THR A 202 10.98 -2.72 15.25
CA THR A 202 10.16 -1.53 15.03
C THR A 202 9.34 -1.19 16.26
N PHE A 203 8.69 -2.19 16.85
CA PHE A 203 7.91 -1.95 18.07
C PHE A 203 8.82 -1.50 19.21
N ASP A 204 9.86 -2.29 19.52
CA ASP A 204 10.74 -1.96 20.63
C ASP A 204 11.29 -0.54 20.53
N GLU A 205 11.68 -0.11 19.33
CA GLU A 205 12.29 1.21 19.16
C GLU A 205 11.24 2.31 19.29
N ALA A 206 9.98 2.05 18.90
CA ALA A 206 8.93 3.02 19.15
C ALA A 206 8.70 3.22 20.64
N MET A 207 8.73 2.13 21.41
CA MET A 207 8.55 2.24 22.85
C MET A 207 9.75 2.88 23.53
N ALA A 208 10.96 2.59 23.05
CA ALA A 208 12.15 3.21 23.64
C ALA A 208 12.05 4.73 23.58
N ASP A 209 11.57 5.27 22.47
CA ASP A 209 11.40 6.70 22.30
C ASP A 209 9.92 7.07 22.16
N LEU A 210 9.09 6.60 23.10
CA LEU A 210 7.66 6.95 23.07
C LEU A 210 7.43 8.43 23.32
N HIS A 211 8.40 9.14 23.88
CA HIS A 211 8.26 10.57 24.08
C HIS A 211 8.16 11.33 22.77
N THR A 212 8.45 10.69 21.64
CA THR A 212 8.39 11.38 20.36
C THR A 212 7.00 11.35 19.72
N LEU A 213 6.01 10.71 20.34
CA LEU A 213 4.67 10.73 19.79
C LEU A 213 4.20 12.18 19.62
N SER A 214 3.37 12.40 18.62
CA SER A 214 2.95 13.73 18.22
C SER A 214 1.48 13.95 18.52
N GLU A 215 1.16 15.17 18.94
CA GLU A 215 -0.22 15.59 19.15
C GLU A 215 -1.09 15.27 17.97
N ASP A 216 -0.57 15.40 16.76
CA ASP A 216 -1.41 15.28 15.58
C ASP A 216 -1.59 13.86 15.12
N SER A 217 -0.80 12.91 15.61
CA SER A 217 -0.78 11.60 15.00
C SER A 217 -0.65 10.43 15.98
N TYR A 218 -0.68 10.66 17.28
CA TYR A 218 -0.37 9.57 18.21
C TYR A 218 -1.40 8.46 18.13
N LYS A 219 -2.68 8.81 17.91
CA LYS A 219 -3.68 7.76 17.72
C LYS A 219 -3.27 6.81 16.62
N ASP A 220 -2.76 7.35 15.51
CA ASP A 220 -2.31 6.49 14.41
C ASP A 220 -1.13 5.63 14.83
N SER A 221 -0.16 6.21 15.53
CA SER A 221 1.02 5.43 15.90
C SER A 221 0.64 4.31 16.85
N THR A 222 -0.12 4.61 17.91
CA THR A 222 -0.49 3.54 18.85
C THR A 222 -1.27 2.43 18.16
N LEU A 223 -2.04 2.75 17.11
N LEU A 223 -2.03 2.76 17.10
CA LEU A 223 -2.77 1.71 16.39
CA LEU A 223 -2.79 1.74 16.38
C LEU A 223 -1.82 0.82 15.62
C LEU A 223 -1.85 0.83 15.59
N ILE A 224 -0.90 1.41 14.86
CA ILE A 224 0.05 0.60 14.08
C ILE A 224 0.92 -0.22 15.02
N MET A 225 1.28 0.34 16.16
CA MET A 225 2.07 -0.41 17.14
C MET A 225 1.31 -1.63 17.65
N GLN A 226 0.00 -1.49 17.85
CA GLN A 226 -0.80 -2.65 18.21
C GLN A 226 -0.81 -3.69 17.09
N LEU A 227 -0.91 -3.23 15.83
CA LEU A 227 -0.89 -4.15 14.70
C LEU A 227 0.46 -4.86 14.58
N LEU A 228 1.54 -4.17 14.92
CA LEU A 228 2.84 -4.85 14.93
C LEU A 228 2.87 -5.97 15.95
N ARG A 229 2.33 -5.73 17.14
CA ARG A 229 2.25 -6.77 18.15
C ARG A 229 1.34 -7.91 17.67
N ASP A 230 0.21 -7.57 17.03
CA ASP A 230 -0.71 -8.61 16.58
C ASP A 230 -0.02 -9.55 15.60
N ASN A 231 0.81 -9.01 14.71
CA ASN A 231 1.50 -9.86 13.73
C ASN A 231 2.56 -10.71 14.39
N LEU A 232 3.25 -10.19 15.42
CA LEU A 232 4.19 -11.00 16.18
C LEU A 232 3.47 -12.11 16.93
N THR A 233 2.29 -11.79 17.48
CA THR A 233 1.52 -12.80 18.21
C THR A 233 1.10 -13.95 17.29
N LEU A 234 0.71 -13.64 16.06
CA LEU A 234 0.32 -14.70 15.15
C LEU A 234 1.53 -15.40 14.51
N TRP A 235 2.70 -14.76 14.55
CA TRP A 235 3.90 -15.39 14.01
C TRP A 235 4.72 -16.11 15.08
N THR A 236 4.36 -16.04 16.36
CA THR A 236 5.07 -16.78 17.40
C THR A 236 4.25 -18.01 17.88
N PHE B 4 -4.81 -13.66 7.41
CA PHE B 4 -3.74 -12.84 6.85
C PHE B 4 -3.20 -11.85 7.89
N PRO B 5 -1.91 -11.53 7.81
CA PRO B 5 -1.34 -10.52 8.73
C PRO B 5 -1.79 -9.13 8.32
N ALA B 6 -1.64 -8.21 9.26
CA ALA B 6 -2.12 -6.87 9.05
C ALA B 6 -1.11 -5.99 8.29
N VAL B 8 -1.25 -1.73 6.43
CA VAL B 8 -2.00 -0.48 6.46
C VAL B 8 -1.66 0.29 5.21
#